data_4NB6
#
_entry.id   4NB6
#
_cell.length_a   99.534
_cell.length_b   99.534
_cell.length_c   125.777
_cell.angle_alpha   90.00
_cell.angle_beta   90.00
_cell.angle_gamma   120.00
#
_symmetry.space_group_name_H-M   'P 61'
#
loop_
_entity.id
_entity.type
_entity.pdbx_description
1 polymer 'Nuclear receptor ROR-gamma'
2 non-polymer N-(2,2,2-TRIFLUOROETHYL)-N-{4-[2,2,2-TRIFLUORO-1-HYDROXY-1-(TRIFLUOROMETHYL)ETHYL]PHENYL}BENZENESULFONAMIDE
3 water water
#
_entity_poly.entity_id   1
_entity_poly.type   'polypeptide(L)'
_entity_poly.pdbx_seq_one_letter_code
;GSAPYASLTEIEHLVQSVCKSYRETCQLRLEDLLRQRSNIFSREEVTGYQRKSMWEMWERCAHHLTEAIQYVVEFAKRLS
GFMELCQNDQIVLLKAGAMEVVLVRMCRAYNADNRTVFFEGKYGGMELFRALGCSELISSIFDFSHSLSALHFSEDEIAL
YTALVLINAHRPGLQEKRKVEQLQYNLELAFHHHLCKTHRQSILAKLPPKGKLRSLCSQHVERLQIFQHLHPIVVQAAFP
PLYKELFSGNS
;
_entity_poly.pdbx_strand_id   A,B
#
loop_
_chem_comp.id
_chem_comp.type
_chem_comp.name
_chem_comp.formula
444 non-polymer N-(2,2,2-TRIFLUOROETHYL)-N-{4-[2,2,2-TRIFLUORO-1-HYDROXY-1-(TRIFLUOROMETHYL)ETHYL]PHENYL}BENZENESULFONAMIDE 'C17 H12 F9 N O3 S'
#
# COMPACT_ATOMS: atom_id res chain seq x y z
N SER A 7 -7.98 24.02 -26.40
CA SER A 7 -9.06 23.91 -27.42
C SER A 7 -9.98 22.71 -27.17
N LEU A 8 -10.66 22.27 -28.23
CA LEU A 8 -11.63 21.18 -28.16
C LEU A 8 -11.00 19.80 -28.34
N THR A 9 -10.05 19.70 -29.27
CA THR A 9 -9.34 18.45 -29.54
C THR A 9 -8.57 17.99 -28.29
N GLU A 10 -8.03 18.96 -27.56
CA GLU A 10 -7.32 18.69 -26.31
C GLU A 10 -8.23 17.95 -25.35
N ILE A 11 -9.48 18.39 -25.28
CA ILE A 11 -10.47 17.81 -24.39
C ILE A 11 -10.88 16.40 -24.82
N GLU A 12 -11.11 16.21 -26.11
CA GLU A 12 -11.38 14.87 -26.63
C GLU A 12 -10.21 13.94 -26.30
N HIS A 13 -8.99 14.45 -26.40
CA HIS A 13 -7.80 13.69 -26.01
C HIS A 13 -7.83 13.33 -24.54
N LEU A 14 -8.18 14.30 -23.70
CA LEU A 14 -8.26 14.12 -22.26
C LEU A 14 -9.27 13.04 -21.87
N VAL A 15 -10.46 13.08 -22.46
CA VAL A 15 -11.47 12.01 -22.30
C VAL A 15 -10.82 10.66 -22.60
N GLN A 16 -10.29 10.53 -23.82
CA GLN A 16 -9.66 9.29 -24.26
C GLN A 16 -8.55 8.87 -23.30
N SER A 17 -7.76 9.85 -22.87
CA SER A 17 -6.67 9.62 -21.94
C SER A 17 -7.17 9.04 -20.61
N VAL A 18 -8.24 9.62 -20.08
CA VAL A 18 -8.80 9.19 -18.80
C VAL A 18 -9.41 7.78 -18.89
N CYS A 19 -10.15 7.51 -19.97
CA CYS A 19 -10.82 6.22 -20.16
C CYS A 19 -9.86 5.05 -20.36
N LYS A 20 -8.72 5.32 -21.00
CA LYS A 20 -7.66 4.33 -21.18
C LYS A 20 -7.05 3.96 -19.83
N SER A 21 -6.83 4.98 -19.00
CA SER A 21 -6.23 4.79 -17.68
C SER A 21 -7.13 3.94 -16.79
N TYR A 22 -8.44 4.11 -16.93
CA TYR A 22 -9.38 3.31 -16.15
C TYR A 22 -9.47 1.88 -16.65
N ARG A 23 -9.45 1.71 -17.97
CA ARG A 23 -9.53 0.37 -18.58
C ARG A 23 -8.35 -0.47 -18.14
N GLU A 24 -7.19 0.16 -18.07
CA GLU A 24 -5.97 -0.50 -17.61
C GLU A 24 -5.95 -0.81 -16.11
N THR A 25 -6.68 -0.03 -15.32
CA THR A 25 -6.63 -0.13 -13.85
C THR A 25 -7.96 -0.42 -13.17
N CYS A 26 -8.88 -1.06 -13.88
CA CYS A 26 -10.22 -1.31 -13.34
C CYS A 26 -10.28 -2.52 -12.40
N GLN A 27 -9.12 -3.13 -12.14
CA GLN A 27 -8.99 -4.32 -11.29
C GLN A 27 -9.77 -5.53 -11.79
N LEU A 28 -11.09 -5.37 -11.89
CA LEU A 28 -11.98 -6.42 -12.39
C LEU A 28 -12.66 -5.96 -13.66
N ARG A 29 -12.56 -6.78 -14.70
CA ARG A 29 -13.24 -6.49 -15.96
C ARG A 29 -14.74 -6.67 -15.80
N LEU A 30 -15.51 -5.75 -16.39
CA LEU A 30 -16.96 -5.78 -16.30
C LEU A 30 -17.56 -7.06 -16.88
N GLU A 31 -16.97 -7.57 -17.95
CA GLU A 31 -17.45 -8.78 -18.61
C GLU A 31 -17.35 -10.01 -17.72
N ASP A 32 -16.36 -10.02 -16.84
CA ASP A 32 -16.19 -11.09 -15.86
C ASP A 32 -17.25 -11.01 -14.75
N LEU A 33 -17.47 -9.80 -14.25
CA LEU A 33 -18.45 -9.58 -13.18
C LEU A 33 -19.88 -9.85 -13.61
N LEU A 34 -20.21 -9.52 -14.86
CA LEU A 34 -21.56 -9.68 -15.38
C LEU A 34 -21.93 -11.13 -15.66
N ARG A 35 -20.99 -11.89 -16.22
CA ARG A 35 -21.25 -13.27 -16.61
C ARG A 35 -21.23 -14.21 -15.41
N GLN A 36 -20.66 -13.74 -14.30
CA GLN A 36 -20.62 -14.51 -13.05
C GLN A 36 -21.74 -14.14 -12.09
N ARG A 37 -22.70 -13.35 -12.58
CA ARG A 37 -23.87 -12.97 -11.79
C ARG A 37 -24.75 -14.17 -11.38
N SER A 38 -24.62 -15.26 -12.13
CA SER A 38 -25.37 -16.49 -11.83
C SER A 38 -24.62 -17.39 -10.85
N ASN A 39 -23.39 -17.00 -10.52
CA ASN A 39 -22.55 -17.73 -9.57
C ASN A 39 -22.74 -17.21 -8.14
N ILE A 40 -23.71 -17.79 -7.45
CA ILE A 40 -24.17 -17.32 -6.14
C ILE A 40 -23.73 -18.27 -5.04
N PHE A 41 -23.35 -17.71 -3.88
CA PHE A 41 -22.99 -18.49 -2.71
C PHE A 41 -24.16 -19.35 -2.22
N SER A 42 -23.86 -20.58 -1.83
CA SER A 42 -24.86 -21.49 -1.32
C SER A 42 -25.24 -21.10 0.11
N ARG A 43 -26.40 -21.59 0.56
CA ARG A 43 -26.87 -21.33 1.92
C ARG A 43 -25.87 -21.87 2.95
N GLU A 44 -25.02 -22.81 2.53
CA GLU A 44 -23.98 -23.36 3.39
C GLU A 44 -22.74 -22.47 3.44
N GLU A 45 -22.35 -21.93 2.29
CA GLU A 45 -21.18 -21.05 2.19
C GLU A 45 -21.36 -19.74 2.93
N VAL A 46 -22.58 -19.22 2.96
CA VAL A 46 -22.87 -17.96 3.68
C VAL A 46 -22.72 -18.18 5.18
N THR A 47 -23.23 -19.31 5.68
CA THR A 47 -23.10 -19.71 7.07
C THR A 47 -21.63 -19.72 7.48
N GLY A 48 -20.79 -20.21 6.58
CA GLY A 48 -19.34 -20.22 6.77
C GLY A 48 -18.82 -18.82 7.07
N TYR A 49 -19.24 -17.85 6.26
CA TYR A 49 -18.84 -16.47 6.47
C TYR A 49 -19.47 -15.88 7.73
N GLN A 50 -20.73 -16.25 7.96
CA GLN A 50 -21.47 -15.77 9.12
C GLN A 50 -20.86 -16.27 10.43
N ARG A 51 -20.29 -17.47 10.40
CA ARG A 51 -19.72 -18.07 11.60
C ARG A 51 -18.32 -17.55 11.94
N LYS A 52 -17.67 -16.88 10.99
CA LYS A 52 -16.35 -16.28 11.22
C LYS A 52 -16.40 -15.19 12.29
N SER A 53 -15.25 -14.86 12.86
CA SER A 53 -15.20 -13.80 13.86
C SER A 53 -15.08 -12.42 13.22
N MET A 54 -15.43 -11.38 13.98
CA MET A 54 -15.25 -9.99 13.58
C MET A 54 -13.87 -9.81 13.00
N TRP A 55 -12.88 -10.25 13.78
CA TRP A 55 -11.48 -10.03 13.48
C TRP A 55 -11.06 -10.62 12.17
N GLU A 56 -11.47 -11.85 11.89
CA GLU A 56 -11.15 -12.47 10.60
C GLU A 56 -11.84 -11.70 9.49
N MET A 57 -13.11 -11.41 9.70
CA MET A 57 -13.92 -10.73 8.71
C MET A 57 -13.40 -9.32 8.41
N TRP A 58 -12.96 -8.61 9.45
CA TRP A 58 -12.40 -7.26 9.31
C TRP A 58 -11.09 -7.24 8.57
N GLU A 59 -10.22 -8.21 8.86
CA GLU A 59 -8.91 -8.27 8.21
C GLU A 59 -9.01 -8.77 6.77
N ARG A 60 -10.05 -9.54 6.44
CA ARG A 60 -10.33 -9.93 5.06
C ARG A 60 -10.75 -8.72 4.23
N CYS A 61 -11.71 -7.97 4.75
CA CYS A 61 -12.24 -6.79 4.05
C CYS A 61 -11.19 -5.71 3.89
N ALA A 62 -10.39 -5.52 4.93
CA ALA A 62 -9.32 -4.53 4.91
C ALA A 62 -8.23 -4.89 3.89
N HIS A 63 -8.12 -6.18 3.57
CA HIS A 63 -7.20 -6.66 2.54
C HIS A 63 -7.71 -6.32 1.16
N HIS A 64 -9.00 -6.57 0.92
CA HIS A 64 -9.61 -6.27 -0.37
C HIS A 64 -9.65 -4.80 -0.66
N LEU A 65 -9.81 -4.00 0.39
CA LEU A 65 -9.81 -2.55 0.28
C LEU A 65 -8.42 -2.01 -0.09
N THR A 66 -7.40 -2.41 0.67
CA THR A 66 -6.02 -2.00 0.39
C THR A 66 -5.66 -2.35 -1.05
N GLU A 67 -6.03 -3.56 -1.46
CA GLU A 67 -5.81 -4.03 -2.83
C GLU A 67 -6.47 -3.10 -3.83
N ALA A 68 -7.76 -2.80 -3.59
CA ALA A 68 -8.51 -1.92 -4.47
C ALA A 68 -7.87 -0.54 -4.55
N ILE A 69 -7.37 -0.07 -3.41
CA ILE A 69 -6.72 1.25 -3.33
C ILE A 69 -5.42 1.30 -4.14
N GLN A 70 -4.72 0.18 -4.26
CA GLN A 70 -3.52 0.09 -5.08
C GLN A 70 -3.84 0.43 -6.54
N TYR A 71 -4.93 -0.15 -7.05
CA TYR A 71 -5.39 0.10 -8.40
C TYR A 71 -5.86 1.54 -8.61
N VAL A 72 -6.50 2.10 -7.60
CA VAL A 72 -6.93 3.50 -7.63
C VAL A 72 -5.70 4.41 -7.70
N VAL A 73 -4.67 4.06 -6.95
CA VAL A 73 -3.41 4.81 -6.93
C VAL A 73 -2.77 4.77 -8.31
N GLU A 74 -2.68 3.57 -8.90
CA GLU A 74 -2.17 3.40 -10.27
C GLU A 74 -2.99 4.15 -11.31
N PHE A 75 -4.29 4.28 -11.05
CA PHE A 75 -5.19 5.05 -11.89
C PHE A 75 -4.87 6.56 -11.81
N ALA A 76 -4.61 7.05 -10.60
CA ALA A 76 -4.28 8.45 -10.39
C ALA A 76 -2.96 8.83 -11.04
N LYS A 77 -2.02 7.88 -11.08
CA LYS A 77 -0.69 8.11 -11.65
C LYS A 77 -0.73 8.28 -13.17
N ARG A 78 -1.65 7.59 -13.83
CA ARG A 78 -1.80 7.68 -15.28
C ARG A 78 -2.61 8.92 -15.68
N LEU A 79 -3.18 9.58 -14.69
CA LEU A 79 -4.10 10.70 -14.90
C LEU A 79 -3.35 11.97 -15.25
N SER A 80 -3.74 12.58 -16.37
CA SER A 80 -3.09 13.78 -16.89
C SER A 80 -3.14 14.91 -15.88
N GLY A 81 -1.97 15.32 -15.40
CA GLY A 81 -1.86 16.48 -14.53
C GLY A 81 -1.51 16.14 -13.10
N PHE A 82 -1.94 14.95 -12.66
CA PHE A 82 -1.74 14.52 -11.28
C PHE A 82 -0.26 14.39 -10.92
N MET A 83 0.51 13.79 -11.82
CA MET A 83 1.96 13.64 -11.61
C MET A 83 2.69 14.97 -11.49
N GLU A 84 2.19 15.99 -12.19
CA GLU A 84 2.81 17.33 -12.17
C GLU A 84 2.62 18.06 -10.84
N LEU A 85 1.64 17.65 -10.05
CA LEU A 85 1.38 18.24 -8.74
C LEU A 85 2.53 17.92 -7.77
N CYS A 86 2.62 18.67 -6.66
CA CYS A 86 3.66 18.40 -5.67
C CYS A 86 3.31 17.17 -4.83
N GLN A 87 4.28 16.71 -4.04
CA GLN A 87 4.12 15.51 -3.25
C GLN A 87 3.04 15.66 -2.18
N ASN A 88 2.88 16.87 -1.66
CA ASN A 88 1.90 17.16 -0.62
C ASN A 88 0.48 17.03 -1.12
N ASP A 89 0.18 17.74 -2.20
CA ASP A 89 -1.16 17.76 -2.77
C ASP A 89 -1.59 16.40 -3.33
N GLN A 90 -0.62 15.65 -3.87
CA GLN A 90 -0.85 14.27 -4.30
C GLN A 90 -1.40 13.42 -3.15
N ILE A 91 -0.73 13.51 -2.00
CA ILE A 91 -1.14 12.76 -0.81
C ILE A 91 -2.46 13.27 -0.22
N VAL A 92 -2.66 14.60 -0.26
CA VAL A 92 -3.91 15.19 0.21
C VAL A 92 -5.08 14.63 -0.60
N LEU A 93 -5.00 14.75 -1.93
CA LEU A 93 -6.06 14.31 -2.84
C LEU A 93 -6.32 12.80 -2.77
N LEU A 94 -5.25 12.03 -2.57
CA LEU A 94 -5.35 10.58 -2.50
C LEU A 94 -5.96 10.09 -1.19
N LYS A 95 -5.48 10.61 -0.06
CA LYS A 95 -5.92 10.09 1.24
C LYS A 95 -7.37 10.50 1.53
N ALA A 96 -7.88 11.48 0.80
CA ALA A 96 -9.27 11.90 0.91
C ALA A 96 -10.17 11.12 -0.05
N GLY A 97 -9.69 10.90 -1.27
CA GLY A 97 -10.55 10.42 -2.33
C GLY A 97 -10.36 9.00 -2.83
N ALA A 98 -9.20 8.40 -2.53
CA ALA A 98 -8.97 7.01 -2.93
C ALA A 98 -10.11 6.13 -2.44
N MET A 99 -10.47 6.33 -1.16
CA MET A 99 -11.57 5.63 -0.52
C MET A 99 -12.88 5.88 -1.26
N GLU A 100 -13.17 7.15 -1.54
CA GLU A 100 -14.38 7.54 -2.24
C GLU A 100 -14.47 6.93 -3.65
N VAL A 101 -13.34 6.82 -4.33
CA VAL A 101 -13.31 6.20 -5.64
C VAL A 101 -13.64 4.71 -5.54
N VAL A 102 -13.08 4.04 -4.53
CA VAL A 102 -13.33 2.62 -4.30
C VAL A 102 -14.84 2.37 -4.16
N LEU A 103 -15.52 3.21 -3.39
CA LEU A 103 -16.97 3.11 -3.22
C LEU A 103 -17.73 3.24 -4.53
N VAL A 104 -17.32 4.21 -5.35
CA VAL A 104 -17.96 4.42 -6.63
C VAL A 104 -17.70 3.21 -7.54
N ARG A 105 -16.46 2.73 -7.53
CA ARG A 105 -16.08 1.58 -8.36
C ARG A 105 -16.88 0.33 -8.03
N MET A 106 -17.27 0.21 -6.76
CA MET A 106 -17.95 -1.00 -6.25
C MET A 106 -19.28 -1.31 -6.91
N CYS A 107 -20.00 -0.28 -7.36
CA CYS A 107 -21.32 -0.46 -7.97
C CYS A 107 -21.31 -1.37 -9.21
N ARG A 108 -20.14 -1.49 -9.84
CA ARG A 108 -19.98 -2.41 -10.97
C ARG A 108 -20.11 -3.86 -10.52
N ALA A 109 -19.77 -4.12 -9.26
CA ALA A 109 -19.80 -5.48 -8.72
C ALA A 109 -21.14 -5.78 -8.02
N TYR A 110 -22.09 -4.86 -8.15
CA TYR A 110 -23.38 -5.00 -7.50
C TYR A 110 -24.44 -5.41 -8.52
N ASN A 111 -25.30 -6.33 -8.12
CA ASN A 111 -26.41 -6.76 -8.95
C ASN A 111 -27.73 -6.34 -8.32
N ALA A 112 -28.45 -5.45 -9.00
CA ALA A 112 -29.72 -4.93 -8.48
C ALA A 112 -30.88 -5.94 -8.59
N ASP A 113 -30.72 -6.94 -9.44
CA ASP A 113 -31.78 -7.93 -9.69
C ASP A 113 -32.06 -8.84 -8.50
N ASN A 114 -31.04 -9.11 -7.69
CA ASN A 114 -31.17 -9.97 -6.52
C ASN A 114 -30.56 -9.37 -5.25
N ARG A 115 -30.10 -8.12 -5.36
CA ARG A 115 -29.46 -7.39 -4.26
C ARG A 115 -28.26 -8.13 -3.67
N THR A 116 -27.35 -8.54 -4.55
CA THR A 116 -26.11 -9.21 -4.16
C THR A 116 -24.89 -8.45 -4.67
N VAL A 117 -23.73 -8.80 -4.12
CA VAL A 117 -22.47 -8.18 -4.51
C VAL A 117 -21.37 -9.24 -4.67
N PHE A 118 -20.50 -9.06 -5.65
CA PHE A 118 -19.36 -9.95 -5.85
C PHE A 118 -18.39 -9.79 -4.68
N PHE A 119 -18.04 -10.92 -4.08
CA PHE A 119 -17.14 -10.94 -2.94
C PHE A 119 -16.41 -12.28 -2.90
N GLU A 120 -15.10 -12.24 -3.14
CA GLU A 120 -14.24 -13.42 -3.13
C GLU A 120 -14.79 -14.55 -3.99
N GLY A 121 -14.92 -14.30 -5.28
CA GLY A 121 -15.25 -15.38 -6.23
C GLY A 121 -16.71 -15.56 -6.59
N LYS A 122 -17.62 -15.22 -5.68
CA LYS A 122 -19.05 -15.42 -5.93
C LYS A 122 -19.89 -14.21 -5.51
N TYR A 123 -21.17 -14.25 -5.86
CA TYR A 123 -22.12 -13.21 -5.47
C TYR A 123 -22.90 -13.59 -4.21
N GLY A 124 -23.11 -12.61 -3.34
CA GLY A 124 -23.84 -12.81 -2.08
C GLY A 124 -24.51 -11.55 -1.56
N GLY A 125 -25.62 -11.72 -0.86
CA GLY A 125 -26.37 -10.60 -0.27
C GLY A 125 -25.66 -10.04 0.95
N MET A 126 -26.33 -9.17 1.68
CA MET A 126 -25.66 -8.49 2.79
C MET A 126 -25.58 -9.35 4.06
N GLU A 127 -26.33 -10.45 4.09
CA GLU A 127 -26.28 -11.38 5.21
C GLU A 127 -24.90 -12.04 5.32
N LEU A 128 -24.12 -11.90 4.26
CA LEU A 128 -22.77 -12.43 4.17
C LEU A 128 -21.79 -11.77 5.15
N PHE A 129 -22.12 -10.55 5.59
CA PHE A 129 -21.20 -9.75 6.41
C PHE A 129 -21.68 -9.62 7.85
N ARG A 130 -22.64 -10.46 8.23
CA ARG A 130 -23.23 -10.42 9.57
C ARG A 130 -22.19 -10.31 10.67
N ALA A 131 -21.08 -11.03 10.52
CA ALA A 131 -20.08 -11.12 11.57
C ALA A 131 -19.37 -9.80 11.87
N LEU A 132 -19.33 -8.90 10.89
CA LEU A 132 -18.70 -7.59 11.08
C LEU A 132 -19.35 -6.80 12.22
N GLY A 133 -20.61 -7.10 12.50
CA GLY A 133 -21.34 -6.46 13.61
C GLY A 133 -21.78 -5.04 13.33
N CYS A 134 -21.80 -4.64 12.07
CA CYS A 134 -22.24 -3.29 11.70
C CYS A 134 -23.24 -3.27 10.54
N SER A 135 -24.47 -3.63 10.88
CA SER A 135 -25.60 -3.65 9.94
C SER A 135 -25.74 -2.33 9.15
N GLU A 136 -25.74 -1.20 9.86
CA GLU A 136 -25.95 0.12 9.25
C GLU A 136 -24.93 0.49 8.17
N LEU A 137 -23.67 0.20 8.45
CA LEU A 137 -22.58 0.45 7.53
C LEU A 137 -22.72 -0.37 6.24
N ILE A 138 -22.99 -1.67 6.37
CA ILE A 138 -23.20 -2.54 5.21
C ILE A 138 -24.42 -2.09 4.39
N SER A 139 -25.50 -1.72 5.09
CA SER A 139 -26.70 -1.25 4.42
C SER A 139 -26.43 0.00 3.60
N SER A 140 -25.68 0.93 4.16
CA SER A 140 -25.22 2.13 3.45
C SER A 140 -24.57 1.75 2.13
N ILE A 141 -23.62 0.83 2.19
CA ILE A 141 -22.91 0.38 1.00
C ILE A 141 -23.85 -0.17 -0.05
N PHE A 142 -24.78 -1.03 0.37
CA PHE A 142 -25.72 -1.63 -0.56
C PHE A 142 -26.71 -0.62 -1.14
N ASP A 143 -27.22 0.27 -0.30
CA ASP A 143 -28.16 1.30 -0.75
C ASP A 143 -27.50 2.26 -1.74
N PHE A 144 -26.25 2.59 -1.47
CA PHE A 144 -25.51 3.50 -2.34
C PHE A 144 -25.27 2.86 -3.71
N SER A 145 -24.79 1.62 -3.70
CA SER A 145 -24.55 0.87 -4.93
C SER A 145 -25.83 0.66 -5.73
N HIS A 146 -26.93 0.42 -5.03
CA HIS A 146 -28.23 0.20 -5.66
C HIS A 146 -28.69 1.42 -6.40
N SER A 147 -28.49 2.60 -5.79
CA SER A 147 -28.89 3.86 -6.42
C SER A 147 -28.01 4.19 -7.63
N LEU A 148 -26.73 3.90 -7.54
CA LEU A 148 -25.81 4.07 -8.68
C LEU A 148 -26.01 3.03 -9.79
N SER A 149 -26.49 1.85 -9.43
CA SER A 149 -26.70 0.78 -10.42
C SER A 149 -27.86 1.06 -11.37
N ALA A 150 -28.88 1.76 -10.86
CA ALA A 150 -30.05 2.16 -11.66
C ALA A 150 -29.71 3.12 -12.80
N LEU A 151 -28.56 3.77 -12.70
CA LEU A 151 -28.08 4.73 -13.68
C LEU A 151 -27.34 4.06 -14.83
N HIS A 152 -27.03 2.77 -14.65
CA HIS A 152 -26.31 1.97 -15.66
C HIS A 152 -25.08 2.67 -16.18
N PHE A 153 -24.24 3.14 -15.26
CA PHE A 153 -22.95 3.75 -15.57
C PHE A 153 -22.14 2.94 -16.56
N SER A 154 -21.70 3.59 -17.63
CA SER A 154 -20.74 2.98 -18.53
C SER A 154 -19.35 3.09 -17.91
N GLU A 155 -18.41 2.29 -18.42
CA GLU A 155 -17.02 2.34 -17.96
C GLU A 155 -16.44 3.74 -18.11
N ASP A 156 -16.73 4.40 -19.22
CA ASP A 156 -16.22 5.73 -19.49
C ASP A 156 -16.79 6.77 -18.52
N GLU A 157 -18.08 6.63 -18.23
CA GLU A 157 -18.76 7.48 -17.25
C GLU A 157 -18.13 7.33 -15.87
N ILE A 158 -17.80 6.09 -15.50
CA ILE A 158 -17.13 5.79 -14.25
C ILE A 158 -15.71 6.36 -14.24
N ALA A 159 -15.02 6.20 -15.37
CA ALA A 159 -13.68 6.73 -15.52
C ALA A 159 -13.67 8.24 -15.28
N LEU A 160 -14.57 8.94 -15.97
CA LEU A 160 -14.59 10.38 -15.91
C LEU A 160 -15.08 10.88 -14.56
N TYR A 161 -16.05 10.18 -13.98
CA TYR A 161 -16.63 10.61 -12.71
C TYR A 161 -15.67 10.40 -11.55
N THR A 162 -14.99 9.26 -11.53
CA THR A 162 -14.04 8.96 -10.47
C THR A 162 -12.85 9.91 -10.53
N ALA A 163 -12.46 10.30 -11.73
CA ALA A 163 -11.39 11.28 -11.90
C ALA A 163 -11.76 12.58 -11.19
N LEU A 164 -13.02 13.01 -11.38
CA LEU A 164 -13.53 14.23 -10.76
C LEU A 164 -13.69 14.10 -9.24
N VAL A 165 -13.98 12.89 -8.77
CA VAL A 165 -14.04 12.59 -7.34
C VAL A 165 -12.67 12.86 -6.74
N LEU A 166 -11.65 12.33 -7.42
CA LEU A 166 -10.27 12.35 -6.95
C LEU A 166 -9.58 13.70 -7.10
N ILE A 167 -9.86 14.39 -8.20
CA ILE A 167 -9.27 15.71 -8.46
C ILE A 167 -10.26 16.80 -8.06
N ASN A 168 -10.27 17.12 -6.77
CA ASN A 168 -11.15 18.16 -6.23
C ASN A 168 -10.41 19.25 -5.45
N ALA A 169 -10.58 20.50 -5.89
CA ALA A 169 -9.87 21.63 -5.29
C ALA A 169 -10.47 22.14 -3.97
N HIS A 170 -11.43 21.40 -3.42
CA HIS A 170 -12.09 21.80 -2.18
C HIS A 170 -11.59 21.05 -0.97
N ARG A 171 -10.65 20.12 -1.19
CA ARG A 171 -10.01 19.38 -0.10
C ARG A 171 -9.16 20.33 0.74
N PRO A 172 -9.27 20.26 2.08
CA PRO A 172 -8.53 21.19 2.92
C PRO A 172 -7.03 20.86 2.97
N GLY A 173 -6.19 21.89 3.05
CA GLY A 173 -4.75 21.70 3.16
C GLY A 173 -3.98 21.66 1.84
N LEU A 174 -4.64 21.98 0.75
CA LEU A 174 -3.97 22.08 -0.54
C LEU A 174 -3.06 23.30 -0.57
N GLN A 175 -1.85 23.11 -1.09
CA GLN A 175 -0.90 24.20 -1.19
C GLN A 175 -0.98 24.84 -2.58
N GLU A 176 -0.98 24.01 -3.61
CA GLU A 176 -1.10 24.48 -4.98
C GLU A 176 -2.56 24.42 -5.43
N LYS A 177 -3.45 25.13 -4.73
CA LYS A 177 -4.88 25.09 -4.98
C LYS A 177 -5.24 25.52 -6.40
N ARG A 178 -4.67 26.64 -6.83
CA ARG A 178 -4.92 27.20 -8.15
C ARG A 178 -4.72 26.17 -9.26
N LYS A 179 -3.71 25.32 -9.10
CA LYS A 179 -3.36 24.33 -10.13
C LYS A 179 -4.33 23.16 -10.13
N VAL A 180 -4.87 22.83 -8.96
CA VAL A 180 -5.84 21.76 -8.83
C VAL A 180 -7.17 22.19 -9.44
N GLU A 181 -7.52 23.47 -9.26
CA GLU A 181 -8.71 24.06 -9.87
C GLU A 181 -8.66 23.87 -11.39
N GLN A 182 -7.56 24.33 -12.00
CA GLN A 182 -7.33 24.19 -13.45
C GLN A 182 -7.55 22.77 -13.93
N LEU A 183 -7.06 21.81 -13.14
CA LEU A 183 -7.11 20.40 -13.50
C LEU A 183 -8.54 19.87 -13.44
N GLN A 184 -9.20 20.15 -12.32
CA GLN A 184 -10.62 19.83 -12.10
C GLN A 184 -11.49 20.35 -13.24
N TYR A 185 -11.34 21.64 -13.52
CA TYR A 185 -11.94 22.34 -14.64
C TYR A 185 -11.98 21.58 -15.95
N ASN A 186 -10.79 21.25 -16.44
CA ASN A 186 -10.65 20.51 -17.70
C ASN A 186 -11.35 19.17 -17.60
N LEU A 187 -11.26 18.51 -16.45
CA LEU A 187 -11.95 17.25 -16.27
C LEU A 187 -13.48 17.42 -16.27
N GLU A 188 -13.97 18.49 -15.65
CA GLU A 188 -15.41 18.78 -15.69
C GLU A 188 -15.89 18.95 -17.12
N LEU A 189 -15.16 19.75 -17.89
CA LEU A 189 -15.48 19.96 -19.29
C LEU A 189 -15.44 18.66 -20.07
N ALA A 190 -14.42 17.84 -19.82
CA ALA A 190 -14.26 16.57 -20.52
C ALA A 190 -15.48 15.70 -20.30
N PHE A 191 -15.90 15.63 -19.03
CA PHE A 191 -17.06 14.88 -18.60
C PHE A 191 -18.35 15.38 -19.28
N HIS A 192 -18.52 16.69 -19.34
CA HIS A 192 -19.72 17.27 -19.92
C HIS A 192 -19.75 17.07 -21.40
N HIS A 193 -18.61 17.30 -22.04
CA HIS A 193 -18.43 17.03 -23.46
C HIS A 193 -18.82 15.63 -23.80
N HIS A 194 -18.30 14.65 -23.07
CA HIS A 194 -18.56 13.25 -23.38
C HIS A 194 -19.98 12.82 -23.20
N LEU A 195 -20.63 13.30 -22.14
CA LEU A 195 -22.04 12.97 -21.92
C LEU A 195 -22.86 13.50 -23.09
N CYS A 196 -22.45 14.65 -23.62
CA CYS A 196 -23.08 15.23 -24.79
C CYS A 196 -22.92 14.37 -26.02
N LYS A 197 -21.70 13.93 -26.28
CA LYS A 197 -21.40 13.05 -27.42
C LYS A 197 -22.16 11.74 -27.33
N THR A 198 -22.45 11.29 -26.12
CA THR A 198 -23.12 10.00 -25.90
C THR A 198 -24.62 10.09 -25.61
N HIS A 199 -25.16 11.31 -25.61
CA HIS A 199 -26.57 11.56 -25.26
C HIS A 199 -26.90 11.04 -23.89
N ARG A 200 -26.02 11.34 -22.94
CA ARG A 200 -26.18 10.86 -21.57
C ARG A 200 -26.16 11.99 -20.54
N GLN A 201 -26.60 13.18 -20.94
CA GLN A 201 -26.61 14.37 -20.08
C GLN A 201 -27.51 14.17 -18.86
N SER A 202 -28.45 13.23 -18.99
CA SER A 202 -29.43 12.88 -17.96
C SER A 202 -28.83 12.40 -16.63
N ILE A 203 -27.67 11.75 -16.66
CA ILE A 203 -27.10 11.17 -15.44
C ILE A 203 -26.62 12.21 -14.41
N LEU A 204 -26.38 13.45 -14.86
CA LEU A 204 -25.91 14.53 -13.97
C LEU A 204 -26.84 14.79 -12.78
N ALA A 205 -28.11 15.02 -13.07
CA ALA A 205 -29.11 15.27 -12.03
C ALA A 205 -29.36 14.04 -11.16
N LYS A 206 -28.94 12.86 -11.64
CA LYS A 206 -29.14 11.62 -10.91
C LYS A 206 -27.89 11.20 -10.13
N LEU A 207 -26.79 11.93 -10.32
CA LEU A 207 -25.55 11.71 -9.58
C LEU A 207 -25.70 11.96 -8.08
N PRO A 208 -24.87 11.30 -7.25
CA PRO A 208 -25.00 11.51 -5.81
C PRO A 208 -24.64 12.94 -5.48
N PRO A 209 -25.37 13.56 -4.54
CA PRO A 209 -25.04 14.93 -4.16
C PRO A 209 -23.63 15.00 -3.60
N LYS A 210 -22.95 16.11 -3.86
CA LYS A 210 -21.63 16.33 -3.31
C LYS A 210 -21.80 16.45 -1.79
N GLY A 211 -20.98 15.71 -1.05
CA GLY A 211 -21.13 15.65 0.40
C GLY A 211 -21.58 14.28 0.84
N LYS A 212 -22.40 13.62 0.02
CA LYS A 212 -22.88 12.27 0.30
C LYS A 212 -21.72 11.29 0.32
N LEU A 213 -20.97 11.23 -0.77
CA LEU A 213 -19.77 10.39 -0.88
C LEU A 213 -18.85 10.58 0.32
N ARG A 214 -18.55 11.85 0.61
CA ARG A 214 -17.64 12.23 1.69
C ARG A 214 -18.19 11.83 3.06
N SER A 215 -19.50 12.03 3.24
CA SER A 215 -20.19 11.67 4.49
C SER A 215 -20.17 10.16 4.74
N LEU A 216 -20.30 9.37 3.66
CA LEU A 216 -20.22 7.92 3.75
C LEU A 216 -18.83 7.46 4.16
N CYS A 217 -17.83 7.86 3.37
CA CYS A 217 -16.44 7.51 3.62
C CYS A 217 -16.01 7.81 5.05
N SER A 218 -16.39 8.99 5.53
CA SER A 218 -16.00 9.45 6.85
C SER A 218 -16.54 8.50 7.94
N GLN A 219 -17.74 7.97 7.71
CA GLN A 219 -18.33 6.99 8.63
C GLN A 219 -17.63 5.63 8.54
N HIS A 220 -17.30 5.23 7.32
CA HIS A 220 -16.62 3.95 7.08
C HIS A 220 -15.21 3.93 7.60
N VAL A 221 -14.51 5.06 7.49
CA VAL A 221 -13.13 5.18 7.97
C VAL A 221 -13.08 5.15 9.50
N GLU A 222 -14.06 5.80 10.12
CA GLU A 222 -14.14 5.87 11.58
C GLU A 222 -14.40 4.51 12.23
N ARG A 223 -15.30 3.72 11.63
CA ARG A 223 -15.57 2.35 12.08
C ARG A 223 -14.33 1.48 11.89
N LEU A 224 -13.66 1.67 10.76
CA LEU A 224 -12.47 0.87 10.41
C LEU A 224 -11.32 1.10 11.38
N GLN A 225 -11.04 2.36 11.69
CA GLN A 225 -9.93 2.73 12.57
C GLN A 225 -10.02 2.10 13.96
N ILE A 226 -11.25 1.88 14.42
CA ILE A 226 -11.49 1.09 15.63
C ILE A 226 -10.75 -0.25 15.55
N PHE A 227 -10.97 -0.98 14.47
CA PHE A 227 -10.34 -2.29 14.27
C PHE A 227 -8.98 -2.22 13.57
N SER B 7 12.90 5.67 33.46
CA SER B 7 13.14 4.64 34.52
C SER B 7 13.62 3.34 33.87
N LEU B 8 14.05 2.37 34.68
CA LEU B 8 14.66 1.16 34.16
C LEU B 8 13.65 0.11 33.68
N THR B 9 12.65 -0.15 34.50
CA THR B 9 11.60 -1.12 34.17
C THR B 9 10.83 -0.68 32.93
N GLU B 10 10.65 0.63 32.78
CA GLU B 10 10.02 1.22 31.60
C GLU B 10 10.78 0.81 30.35
N ILE B 11 12.11 0.85 30.45
CA ILE B 11 13.00 0.54 29.32
C ILE B 11 12.97 -0.93 28.98
N GLU B 12 13.02 -1.79 30.00
CA GLU B 12 12.87 -3.22 29.79
C GLU B 12 11.53 -3.54 29.11
N HIS B 13 10.47 -2.83 29.52
CA HIS B 13 9.16 -2.95 28.87
C HIS B 13 9.22 -2.54 27.41
N LEU B 14 9.89 -1.43 27.13
CA LEU B 14 10.04 -0.91 25.77
C LEU B 14 10.75 -1.90 24.85
N VAL B 15 11.84 -2.50 25.34
CA VAL B 15 12.54 -3.55 24.62
C VAL B 15 11.55 -4.65 24.24
N GLN B 16 10.88 -5.20 25.26
CA GLN B 16 9.90 -6.27 25.09
C GLN B 16 8.80 -5.88 24.13
N SER B 17 8.36 -4.62 24.26
CA SER B 17 7.32 -4.06 23.41
C SER B 17 7.76 -4.02 21.94
N VAL B 18 8.99 -3.59 21.70
CA VAL B 18 9.52 -3.49 20.34
C VAL B 18 9.71 -4.87 19.70
N CYS B 19 10.28 -5.82 20.44
CA CYS B 19 10.55 -7.16 19.94
C CYS B 19 9.30 -7.96 19.59
N LYS B 20 8.24 -7.77 20.38
CA LYS B 20 6.93 -8.39 20.12
C LYS B 20 6.35 -7.87 18.79
N SER B 21 6.48 -6.57 18.57
CA SER B 21 5.98 -5.90 17.38
C SER B 21 6.67 -6.42 16.13
N TYR B 22 7.96 -6.71 16.25
CA TYR B 22 8.72 -7.25 15.13
C TYR B 22 8.40 -8.72 14.86
N ARG B 23 8.21 -9.49 15.94
CA ARG B 23 7.88 -10.92 15.82
C ARG B 23 6.55 -11.08 15.10
N GLU B 24 5.60 -10.20 15.41
CA GLU B 24 4.28 -10.21 14.77
C GLU B 24 4.32 -9.74 13.30
N THR B 25 5.30 -8.90 12.96
CA THR B 25 5.34 -8.24 11.63
C THR B 25 6.59 -8.53 10.80
N CYS B 26 7.25 -9.66 11.05
CA CYS B 26 8.50 -9.96 10.37
C CYS B 26 8.32 -10.52 8.95
N GLN B 27 7.06 -10.59 8.50
CA GLN B 27 6.67 -11.13 7.19
C GLN B 27 7.06 -12.59 6.99
N LEU B 28 8.36 -12.86 7.07
CA LEU B 28 8.90 -14.22 6.94
C LEU B 28 9.56 -14.62 8.25
N ARG B 29 9.18 -15.79 8.77
CA ARG B 29 9.82 -16.34 9.95
C ARG B 29 11.23 -16.82 9.64
N LEU B 30 12.17 -16.55 10.54
CA LEU B 30 13.56 -16.92 10.35
C LEU B 30 13.76 -18.44 10.19
N GLU B 31 12.98 -19.22 10.95
CA GLU B 31 13.07 -20.68 10.88
C GLU B 31 12.71 -21.24 9.50
N ASP B 32 11.81 -20.55 8.79
CA ASP B 32 11.45 -20.92 7.43
C ASP B 32 12.57 -20.61 6.45
N LEU B 33 13.16 -19.42 6.58
CA LEU B 33 14.23 -18.98 5.69
C LEU B 33 15.51 -19.80 5.83
N LEU B 34 15.81 -20.22 7.06
CA LEU B 34 17.04 -20.97 7.34
C LEU B 34 16.97 -22.41 6.86
N ARG B 35 15.82 -23.05 7.05
CA ARG B 35 15.67 -24.46 6.69
C ARG B 35 15.49 -24.66 5.20
N GLN B 36 15.16 -23.58 4.49
CA GLN B 36 15.02 -23.62 3.04
C GLN B 36 16.26 -23.12 2.31
N ARG B 37 17.35 -22.97 3.06
CA ARG B 37 18.65 -22.59 2.48
C ARG B 37 19.20 -23.62 1.50
N SER B 38 18.74 -24.86 1.62
CA SER B 38 19.15 -25.94 0.72
C SER B 38 18.25 -26.01 -0.53
N ASN B 39 17.21 -25.19 -0.56
CA ASN B 39 16.28 -25.13 -1.68
C ASN B 39 16.70 -24.06 -2.70
N ILE B 40 17.53 -24.47 -3.65
CA ILE B 40 18.21 -23.55 -4.57
C ILE B 40 17.63 -23.68 -5.98
N PHE B 41 17.52 -22.56 -6.68
CA PHE B 41 17.05 -22.53 -8.07
C PHE B 41 17.98 -23.33 -8.98
N SER B 42 17.38 -24.09 -9.89
CA SER B 42 18.14 -24.88 -10.87
C SER B 42 18.72 -23.98 -11.94
N ARG B 43 19.73 -24.48 -12.66
CA ARG B 43 20.37 -23.72 -13.72
C ARG B 43 19.35 -23.38 -14.82
N GLU B 44 18.26 -24.14 -14.86
CA GLU B 44 17.17 -23.91 -15.81
C GLU B 44 16.23 -22.81 -15.33
N GLU B 45 15.90 -22.82 -14.04
CA GLU B 45 15.00 -21.82 -13.45
C GLU B 45 15.58 -20.42 -13.47
N VAL B 46 16.90 -20.29 -13.31
CA VAL B 46 17.56 -18.99 -13.36
C VAL B 46 17.49 -18.39 -14.77
N THR B 47 17.70 -19.25 -15.77
CA THR B 47 17.60 -18.85 -17.18
C THR B 47 16.20 -18.29 -17.44
N GLY B 48 15.19 -18.91 -16.82
CA GLY B 48 13.81 -18.43 -16.90
C GLY B 48 13.71 -16.98 -16.46
N TYR B 49 14.32 -16.66 -15.32
CA TYR B 49 14.32 -15.29 -14.80
C TYR B 49 15.20 -14.38 -15.63
N GLN B 50 16.32 -14.92 -16.11
CA GLN B 50 17.24 -14.18 -16.95
C GLN B 50 16.61 -13.77 -18.29
N ARG B 51 15.72 -14.61 -18.80
CA ARG B 51 15.12 -14.38 -20.11
C ARG B 51 13.95 -13.40 -20.09
N LYS B 52 13.42 -13.13 -18.89
CA LYS B 52 12.32 -12.18 -18.72
C LYS B 52 12.75 -10.77 -19.12
N SER B 53 11.77 -9.90 -19.39
CA SER B 53 12.07 -8.53 -19.74
C SER B 53 12.28 -7.65 -18.50
N MET B 54 12.92 -6.50 -18.69
CA MET B 54 13.13 -5.51 -17.61
C MET B 54 11.81 -5.23 -16.95
N TRP B 55 10.80 -4.96 -17.78
CA TRP B 55 9.48 -4.56 -17.32
C TRP B 55 8.81 -5.57 -16.44
N GLU B 56 8.86 -6.85 -16.81
CA GLU B 56 8.29 -7.90 -15.97
C GLU B 56 9.07 -7.99 -14.67
N MET B 57 10.39 -7.99 -14.79
CA MET B 57 11.25 -8.12 -13.65
C MET B 57 11.11 -6.94 -12.68
N TRP B 58 10.96 -5.73 -13.21
CA TRP B 58 10.77 -4.52 -12.39
C TRP B 58 9.45 -4.51 -11.68
N GLU B 59 8.39 -4.94 -12.36
CA GLU B 59 7.08 -4.97 -11.74
C GLU B 59 6.92 -6.11 -10.73
N ARG B 60 7.71 -7.18 -10.89
CA ARG B 60 7.75 -8.24 -9.88
C ARG B 60 8.40 -7.77 -8.60
N CYS B 61 9.57 -7.14 -8.74
CA CYS B 61 10.34 -6.66 -7.59
C CYS B 61 9.60 -5.55 -6.86
N ALA B 62 8.99 -4.66 -7.62
CA ALA B 62 8.21 -3.56 -7.05
C ALA B 62 7.00 -4.06 -6.25
N HIS B 63 6.52 -5.25 -6.60
CA HIS B 63 5.43 -5.91 -5.87
C HIS B 63 5.90 -6.43 -4.54
N HIS B 64 7.05 -7.08 -4.54
CA HIS B 64 7.62 -7.65 -3.31
C HIS B 64 8.03 -6.58 -2.34
N LEU B 65 8.45 -5.44 -2.89
CA LEU B 65 8.84 -4.29 -2.08
C LEU B 65 7.63 -3.63 -1.41
N THR B 66 6.59 -3.33 -2.20
CA THR B 66 5.35 -2.76 -1.67
C THR B 66 4.80 -3.64 -0.56
N GLU B 67 4.79 -4.96 -0.81
CA GLU B 67 4.34 -5.94 0.17
C GLU B 67 5.16 -5.86 1.44
N ALA B 68 6.48 -5.83 1.30
CA ALA B 68 7.38 -5.71 2.44
C ALA B 68 7.13 -4.43 3.24
N ILE B 69 6.88 -3.34 2.52
CA ILE B 69 6.60 -2.03 3.11
C ILE B 69 5.30 -2.04 3.93
N GLN B 70 4.31 -2.82 3.51
CA GLN B 70 3.07 -2.97 4.28
C GLN B 70 3.37 -3.48 5.69
N TYR B 71 4.22 -4.50 5.78
CA TYR B 71 4.61 -5.09 7.06
C TYR B 71 5.44 -4.12 7.92
N VAL B 72 6.28 -3.33 7.26
CA VAL B 72 7.05 -2.29 7.92
C VAL B 72 6.13 -1.23 8.51
N VAL B 73 5.09 -0.88 7.75
CA VAL B 73 4.09 0.08 8.19
C VAL B 73 3.36 -0.46 9.42
N GLU B 74 2.91 -1.71 9.35
CA GLU B 74 2.26 -2.38 10.49
C GLU B 74 3.18 -2.47 11.71
N PHE B 75 4.48 -2.57 11.46
CA PHE B 75 5.49 -2.59 12.52
C PHE B 75 5.60 -1.23 13.20
N ALA B 76 5.56 -0.17 12.40
CA ALA B 76 5.64 1.20 12.93
C ALA B 76 4.41 1.55 13.77
N LYS B 77 3.26 1.01 13.37
CA LYS B 77 2.00 1.27 14.08
C LYS B 77 1.97 0.67 15.49
N ARG B 78 2.61 -0.48 15.66
CA ARG B 78 2.67 -1.16 16.96
C ARG B 78 3.75 -0.55 17.85
N LEU B 79 4.53 0.36 17.28
CA LEU B 79 5.69 0.94 17.95
C LEU B 79 5.26 2.03 18.93
N SER B 80 5.70 1.88 20.17
CA SER B 80 5.36 2.81 21.25
C SER B 80 5.79 4.23 20.92
N GLY B 81 4.83 5.13 20.78
CA GLY B 81 5.10 6.54 20.59
C GLY B 81 4.76 7.03 19.19
N PHE B 82 4.89 6.15 18.21
CA PHE B 82 4.70 6.50 16.80
C PHE B 82 3.28 6.97 16.54
N MET B 83 2.31 6.25 17.07
CA MET B 83 0.90 6.60 16.91
C MET B 83 0.55 7.96 17.49
N GLU B 84 1.24 8.35 18.57
CA GLU B 84 1.00 9.64 19.23
C GLU B 84 1.47 10.84 18.41
N LEU B 85 2.36 10.61 17.46
CA LEU B 85 2.88 11.68 16.58
C LEU B 85 1.78 12.18 15.66
N CYS B 86 1.98 13.35 15.06
CA CYS B 86 0.99 13.89 14.14
C CYS B 86 1.04 13.19 12.78
N GLN B 87 0.06 13.47 11.93
CA GLN B 87 -0.05 12.80 10.64
C GLN B 87 1.11 13.16 9.71
N ASN B 88 1.62 14.38 9.82
CA ASN B 88 2.74 14.85 9.00
C ASN B 88 4.04 14.12 9.30
N ASP B 89 4.43 14.09 10.57
CA ASP B 89 5.69 13.48 10.98
C ASP B 89 5.68 11.95 10.79
N GLN B 90 4.50 11.34 10.94
CA GLN B 90 4.33 9.92 10.64
C GLN B 90 4.74 9.61 9.20
N ILE B 91 4.22 10.40 8.28
CA ILE B 91 4.50 10.25 6.86
C ILE B 91 5.94 10.61 6.51
N VAL B 92 6.49 11.62 7.19
CA VAL B 92 7.88 12.02 6.99
C VAL B 92 8.80 10.86 7.34
N LEU B 93 8.63 10.34 8.56
CA LEU B 93 9.47 9.26 9.07
C LEU B 93 9.33 7.96 8.28
N LEU B 94 8.10 7.70 7.81
CA LEU B 94 7.85 6.50 7.02
C LEU B 94 8.40 6.58 5.59
N LYS B 95 8.17 7.68 4.90
CA LYS B 95 8.55 7.75 3.49
C LYS B 95 10.07 7.86 3.31
N ALA B 96 10.76 8.14 4.42
CA ALA B 96 12.21 8.18 4.43
C ALA B 96 12.80 6.83 4.84
N GLY B 97 12.20 6.19 5.83
CA GLY B 97 12.81 5.05 6.48
C GLY B 97 12.19 3.68 6.25
N ALA B 98 10.96 3.63 5.75
CA ALA B 98 10.32 2.34 5.42
C ALA B 98 11.22 1.55 4.49
N MET B 99 11.72 2.22 3.46
CA MET B 99 12.65 1.67 2.49
C MET B 99 13.93 1.16 3.17
N GLU B 100 14.52 2.00 4.02
CA GLU B 100 15.74 1.66 4.75
C GLU B 100 15.56 0.45 5.67
N VAL B 101 14.37 0.33 6.27
CA VAL B 101 14.07 -0.82 7.11
C VAL B 101 13.99 -2.09 6.27
N VAL B 102 13.36 -1.99 5.10
CA VAL B 102 13.24 -3.14 4.20
C VAL B 102 14.63 -3.68 3.88
N LEU B 103 15.57 -2.79 3.58
CA LEU B 103 16.93 -3.19 3.28
C LEU B 103 17.60 -3.93 4.42
N VAL B 104 17.41 -3.42 5.64
CA VAL B 104 17.99 -4.04 6.83
C VAL B 104 17.35 -5.41 7.06
N ARG B 105 16.03 -5.48 6.89
CA ARG B 105 15.28 -6.73 7.05
C ARG B 105 15.76 -7.82 6.10
N MET B 106 16.20 -7.42 4.91
CA MET B 106 16.56 -8.36 3.84
C MET B 106 17.71 -9.29 4.18
N CYS B 107 18.65 -8.83 5.02
CA CYS B 107 19.81 -9.64 5.39
C CYS B 107 19.47 -10.99 6.04
N ARG B 108 18.26 -11.10 6.59
CA ARG B 108 17.76 -12.35 7.14
C ARG B 108 17.53 -13.39 6.05
N ALA B 109 17.24 -12.91 4.85
CA ALA B 109 16.94 -13.78 3.72
C ALA B 109 18.20 -14.07 2.89
N TYR B 110 19.35 -13.62 3.38
CA TYR B 110 20.61 -13.77 2.66
C TYR B 110 21.44 -14.88 3.28
N ASN B 111 22.06 -15.68 2.41
CA ASN B 111 22.95 -16.75 2.85
C ASN B 111 24.40 -16.48 2.44
N ALA B 112 25.25 -16.24 3.42
CA ALA B 112 26.65 -15.88 3.16
C ALA B 112 27.49 -17.08 2.69
N ASP B 113 27.01 -18.29 2.95
CA ASP B 113 27.74 -19.51 2.61
C ASP B 113 27.85 -19.77 1.10
N ASN B 114 26.86 -19.32 0.34
CA ASN B 114 26.87 -19.52 -1.11
C ASN B 114 26.55 -18.24 -1.90
N ARG B 115 26.42 -17.12 -1.18
CA ARG B 115 26.10 -15.81 -1.76
C ARG B 115 24.77 -15.82 -2.54
N THR B 116 23.73 -16.33 -1.88
CA THR B 116 22.39 -16.38 -2.47
C THR B 116 21.37 -15.68 -1.56
N VAL B 117 20.21 -15.37 -2.14
CA VAL B 117 19.14 -14.70 -1.41
C VAL B 117 17.81 -15.36 -1.75
N PHE B 118 16.93 -15.47 -0.75
CA PHE B 118 15.58 -16.01 -0.95
C PHE B 118 14.77 -15.05 -1.82
N PHE B 119 14.19 -15.59 -2.87
CA PHE B 119 13.40 -14.81 -3.82
C PHE B 119 12.34 -15.70 -4.47
N GLU B 120 11.08 -15.43 -4.14
CA GLU B 120 9.95 -16.17 -4.70
C GLU B 120 10.08 -17.69 -4.53
N GLY B 121 10.19 -18.15 -3.29
CA GLY B 121 10.14 -19.58 -2.99
C GLY B 121 11.47 -20.32 -2.85
N LYS B 122 12.50 -19.84 -3.53
CA LYS B 122 13.82 -20.50 -3.50
C LYS B 122 14.98 -19.52 -3.32
N TYR B 123 16.17 -20.05 -3.12
CA TYR B 123 17.40 -19.26 -3.03
C TYR B 123 18.14 -19.18 -4.36
N GLY B 124 18.71 -18.01 -4.66
CA GLY B 124 19.45 -17.78 -5.90
C GLY B 124 20.46 -16.64 -5.79
N GLY B 125 21.52 -16.74 -6.58
CA GLY B 125 22.57 -15.71 -6.59
C GLY B 125 22.13 -14.45 -7.32
N MET B 126 23.06 -13.54 -7.58
CA MET B 126 22.70 -12.27 -8.19
C MET B 126 22.49 -12.35 -9.69
N GLU B 127 22.90 -13.47 -10.29
CA GLU B 127 22.70 -13.68 -11.72
C GLU B 127 21.22 -13.80 -12.04
N LEU B 128 20.41 -13.99 -11.00
CA LEU B 128 18.96 -14.11 -11.10
C LEU B 128 18.28 -12.82 -11.55
N PHE B 129 18.95 -11.68 -11.37
CA PHE B 129 18.36 -10.37 -11.63
C PHE B 129 18.96 -9.69 -12.86
N ARG B 130 19.67 -10.47 -13.68
CA ARG B 130 20.36 -9.96 -14.85
C ARG B 130 19.48 -9.04 -15.69
N ALA B 131 18.21 -9.42 -15.84
CA ALA B 131 17.29 -8.73 -16.73
C ALA B 131 17.03 -7.30 -16.33
N LEU B 132 17.15 -6.99 -15.03
CA LEU B 132 16.91 -5.64 -14.51
C LEU B 132 17.83 -4.61 -15.15
N GLY B 133 18.98 -5.07 -15.63
CA GLY B 133 19.93 -4.22 -16.34
C GLY B 133 20.69 -3.26 -15.44
N CYS B 134 20.75 -3.56 -14.14
CA CYS B 134 21.50 -2.72 -13.21
C CYS B 134 22.36 -3.52 -12.24
N SER B 135 23.49 -3.97 -12.77
CA SER B 135 24.48 -4.76 -12.04
C SER B 135 24.92 -4.11 -10.73
N GLU B 136 25.29 -2.82 -10.79
CA GLU B 136 25.79 -2.08 -9.62
C GLU B 136 24.81 -2.06 -8.46
N LEU B 137 23.54 -1.80 -8.77
CA LEU B 137 22.49 -1.74 -7.77
C LEU B 137 22.33 -3.08 -7.04
N ILE B 138 22.27 -4.17 -7.80
CA ILE B 138 22.12 -5.51 -7.22
C ILE B 138 23.34 -5.87 -6.38
N SER B 139 24.52 -5.53 -6.88
CA SER B 139 25.75 -5.77 -6.14
C SER B 139 25.73 -5.06 -4.78
N SER B 140 25.33 -3.78 -4.78
CA SER B 140 25.14 -3.01 -3.55
C SER B 140 24.32 -3.78 -2.54
N ILE B 141 23.16 -4.27 -2.97
CA ILE B 141 22.26 -5.03 -2.11
C ILE B 141 22.93 -6.27 -1.53
N PHE B 142 23.62 -7.02 -2.38
CA PHE B 142 24.30 -8.23 -1.92
C PHE B 142 25.48 -7.95 -0.98
N ASP B 143 26.27 -6.93 -1.31
CA ASP B 143 27.42 -6.52 -0.48
C ASP B 143 26.96 -6.03 0.88
N PHE B 144 25.86 -5.27 0.89
CA PHE B 144 25.32 -4.76 2.14
C PHE B 144 24.83 -5.90 3.02
N SER B 145 24.03 -6.80 2.44
CA SER B 145 23.52 -7.96 3.17
C SER B 145 24.62 -8.87 3.69
N HIS B 146 25.68 -9.00 2.89
CA HIS B 146 26.81 -9.83 3.24
C HIS B 146 27.51 -9.30 4.46
N SER B 147 27.70 -7.99 4.51
CA SER B 147 28.35 -7.34 5.66
C SER B 147 27.50 -7.41 6.94
N LEU B 148 26.19 -7.28 6.81
CA LEU B 148 25.27 -7.43 7.93
C LEU B 148 25.09 -8.88 8.38
N SER B 149 25.28 -9.83 7.47
CA SER B 149 25.12 -11.25 7.82
C SER B 149 26.25 -11.80 8.68
N ALA B 150 27.44 -11.22 8.53
CA ALA B 150 28.61 -11.59 9.33
C ALA B 150 28.46 -11.25 10.81
N LEU B 151 27.53 -10.34 11.11
CA LEU B 151 27.25 -9.91 12.48
C LEU B 151 26.27 -10.83 13.20
N HIS B 152 25.63 -11.73 12.43
CA HIS B 152 24.66 -12.68 12.97
C HIS B 152 23.59 -12.04 13.83
N PHE B 153 22.99 -10.98 13.29
CA PHE B 153 21.90 -10.26 13.95
C PHE B 153 20.83 -11.19 14.46
N SER B 154 20.50 -11.07 15.74
CA SER B 154 19.34 -11.75 16.30
C SER B 154 18.08 -10.99 15.92
N GLU B 155 16.93 -11.65 16.04
CA GLU B 155 15.65 -11.00 15.74
C GLU B 155 15.47 -9.74 16.58
N ASP B 156 15.83 -9.81 17.86
CA ASP B 156 15.67 -8.70 18.79
C ASP B 156 16.59 -7.52 18.43
N GLU B 157 17.81 -7.84 18.01
CA GLU B 157 18.74 -6.83 17.51
C GLU B 157 18.20 -6.12 16.26
N ILE B 158 17.59 -6.89 15.35
CA ILE B 158 16.96 -6.35 14.16
C ILE B 158 15.75 -5.50 14.53
N ALA B 159 14.97 -5.98 15.48
CA ALA B 159 13.79 -5.27 15.97
C ALA B 159 14.19 -3.89 16.49
N LEU B 160 15.15 -3.88 17.41
CA LEU B 160 15.58 -2.64 18.04
C LEU B 160 16.32 -1.70 17.07
N TYR B 161 17.11 -2.28 16.15
CA TYR B 161 17.88 -1.48 15.21
C TYR B 161 17.00 -0.83 14.16
N THR B 162 16.04 -1.58 13.63
CA THR B 162 15.13 -1.06 12.62
C THR B 162 14.23 0.03 13.20
N ALA B 163 13.86 -0.11 14.47
CA ALA B 163 13.09 0.91 15.16
C ALA B 163 13.84 2.22 15.15
N LEU B 164 15.13 2.17 15.48
CA LEU B 164 16.00 3.34 15.48
C LEU B 164 16.24 3.92 14.08
N VAL B 165 16.25 3.05 13.06
CA VAL B 165 16.36 3.49 11.66
C VAL B 165 15.15 4.37 11.35
N LEU B 166 13.98 3.90 11.78
CA LEU B 166 12.70 4.49 11.43
C LEU B 166 12.36 5.73 12.27
N ILE B 167 12.71 5.69 13.55
CA ILE B 167 12.49 6.81 14.45
C ILE B 167 13.75 7.67 14.56
N ASN B 168 13.94 8.57 13.60
CA ASN B 168 15.11 9.45 13.58
C ASN B 168 14.75 10.95 13.49
N ALA B 169 15.21 11.72 14.47
CA ALA B 169 14.88 13.14 14.55
C ALA B 169 15.68 14.04 13.58
N HIS B 170 16.46 13.43 12.70
CA HIS B 170 17.29 14.19 11.75
C HIS B 170 16.72 14.26 10.36
N ARG B 171 15.56 13.64 10.16
CA ARG B 171 14.84 13.72 8.89
C ARG B 171 14.33 15.14 8.68
N PRO B 172 14.52 15.70 7.48
CA PRO B 172 14.11 17.09 7.24
C PRO B 172 12.60 17.26 7.11
N GLY B 173 12.08 18.36 7.63
CA GLY B 173 10.65 18.66 7.53
C GLY B 173 9.79 18.19 8.69
N LEU B 174 10.43 17.75 9.77
CA LEU B 174 9.70 17.38 10.97
C LEU B 174 9.14 18.64 11.64
N GLN B 175 7.88 18.57 12.05
CA GLN B 175 7.26 19.68 12.76
C GLN B 175 7.40 19.51 14.27
N GLU B 176 7.08 18.32 14.77
CA GLU B 176 7.24 18.01 16.19
C GLU B 176 8.58 17.33 16.46
N LYS B 177 9.67 18.03 16.13
CA LYS B 177 11.03 17.48 16.24
C LYS B 177 11.38 17.06 17.66
N ARG B 178 11.07 17.94 18.62
CA ARG B 178 11.37 17.72 20.03
C ARG B 178 10.82 16.38 20.52
N LYS B 179 9.65 16.01 20.02
CA LYS B 179 8.97 14.80 20.48
C LYS B 179 9.58 13.56 19.86
N VAL B 180 10.10 13.70 18.65
CA VAL B 180 10.77 12.59 17.95
C VAL B 180 12.12 12.31 18.59
N GLU B 181 12.82 13.37 19.01
CA GLU B 181 14.07 13.25 19.78
C GLU B 181 13.86 12.38 21.01
N GLN B 182 12.86 12.73 21.81
CA GLN B 182 12.48 12.03 23.03
C GLN B 182 12.27 10.53 22.75
N LEU B 183 11.62 10.24 21.63
CA LEU B 183 11.27 8.87 21.27
C LEU B 183 12.49 8.07 20.83
N GLN B 184 13.31 8.67 19.96
CA GLN B 184 14.60 8.12 19.54
C GLN B 184 15.45 7.75 20.76
N TYR B 185 15.63 8.74 21.63
CA TYR B 185 16.30 8.63 22.91
C TYR B 185 16.04 7.35 23.65
N ASN B 186 14.76 7.15 23.99
CA ASN B 186 14.32 5.98 24.72
C ASN B 186 14.63 4.70 23.96
N LEU B 187 14.48 4.74 22.64
CA LEU B 187 14.84 3.59 21.83
C LEU B 187 16.35 3.32 21.80
N GLU B 188 17.16 4.39 21.76
CA GLU B 188 18.61 4.25 21.86
C GLU B 188 18.99 3.56 23.17
N LEU B 189 18.43 4.05 24.26
CA LEU B 189 18.66 3.48 25.58
C LEU B 189 18.20 2.02 25.69
N ALA B 190 17.05 1.72 25.12
CA ALA B 190 16.53 0.35 25.07
C ALA B 190 17.50 -0.58 24.35
N PHE B 191 17.99 -0.13 23.20
CA PHE B 191 18.96 -0.85 22.38
C PHE B 191 20.26 -1.12 23.14
N HIS B 192 20.76 -0.11 23.83
CA HIS B 192 22.01 -0.22 24.55
C HIS B 192 21.90 -1.12 25.72
N HIS B 193 20.79 -0.97 26.45
CA HIS B 193 20.46 -1.82 27.58
C HIS B 193 20.44 -3.26 27.16
N HIS B 194 19.75 -3.56 26.07
CA HIS B 194 19.58 -4.95 25.67
C HIS B 194 20.86 -5.61 25.20
N LEU B 195 21.70 -4.87 24.48
CA LEU B 195 22.98 -5.42 24.04
C LEU B 195 23.83 -5.75 25.25
N CYS B 196 23.69 -4.93 26.29
CA CYS B 196 24.37 -5.20 27.56
C CYS B 196 23.91 -6.47 28.22
N LYS B 197 22.58 -6.62 28.34
CA LYS B 197 21.98 -7.83 28.90
C LYS B 197 22.39 -9.09 28.14
N THR B 198 22.59 -8.95 26.84
CA THR B 198 22.92 -10.09 25.98
C THR B 198 24.40 -10.28 25.67
N HIS B 199 25.25 -9.43 26.25
CA HIS B 199 26.70 -9.43 25.98
C HIS B 199 27.00 -9.29 24.51
N ARG B 200 26.33 -8.34 23.87
CA ARG B 200 26.46 -8.13 22.43
C ARG B 200 26.81 -6.68 22.07
N GLN B 201 27.47 -5.99 23.00
CA GLN B 201 27.87 -4.60 22.81
C GLN B 201 28.73 -4.41 21.57
N SER B 202 29.40 -5.49 21.17
CA SER B 202 30.30 -5.53 20.02
C SER B 202 29.73 -5.09 18.70
N ILE B 203 28.45 -5.37 18.47
CA ILE B 203 27.86 -5.13 17.17
C ILE B 203 27.77 -3.65 16.81
N LEU B 204 27.83 -2.77 17.80
CA LEU B 204 27.72 -1.31 17.59
C LEU B 204 28.77 -0.76 16.62
N ALA B 205 30.04 -1.05 16.91
CA ALA B 205 31.13 -0.59 16.07
C ALA B 205 31.12 -1.25 14.69
N LYS B 206 30.38 -2.36 14.58
CA LYS B 206 30.32 -3.10 13.32
C LYS B 206 29.07 -2.72 12.50
N LEU B 207 28.21 -1.90 13.11
CA LEU B 207 26.99 -1.43 12.44
C LEU B 207 27.32 -0.55 11.24
N PRO B 208 26.42 -0.49 10.25
CA PRO B 208 26.70 0.36 9.08
C PRO B 208 26.73 1.82 9.49
N PRO B 209 27.67 2.60 8.94
CA PRO B 209 27.73 4.01 9.29
C PRO B 209 26.43 4.70 8.96
N LYS B 210 26.04 5.67 9.79
CA LYS B 210 24.91 6.52 9.47
C LYS B 210 25.22 7.29 8.20
N GLY B 211 24.32 7.22 7.24
CA GLY B 211 24.52 7.85 5.95
C GLY B 211 24.65 6.81 4.85
N LYS B 212 25.19 5.64 5.20
CA LYS B 212 25.32 4.52 4.26
C LYS B 212 23.97 4.00 3.82
N LEU B 213 23.12 3.64 4.79
CA LEU B 213 21.74 3.24 4.55
C LEU B 213 21.00 4.24 3.67
N ARG B 214 21.07 5.51 4.06
CA ARG B 214 20.40 6.60 3.36
C ARG B 214 20.94 6.74 1.94
N SER B 215 22.25 6.65 1.80
CA SER B 215 22.92 6.78 0.51
C SER B 215 22.51 5.66 -0.44
N LEU B 216 22.35 4.45 0.10
CA LEU B 216 21.89 3.29 -0.68
C LEU B 216 20.47 3.51 -1.17
N CYS B 217 19.55 3.68 -0.22
CA CYS B 217 18.14 3.89 -0.53
C CYS B 217 17.92 4.94 -1.59
N SER B 218 18.63 6.06 -1.48
CA SER B 218 18.47 7.18 -2.38
C SER B 218 18.82 6.79 -3.81
N GLN B 219 19.80 5.91 -3.96
CA GLN B 219 20.19 5.39 -5.27
C GLN B 219 19.17 4.40 -5.81
N HIS B 220 18.63 3.57 -4.93
CA HIS B 220 17.62 2.57 -5.30
C HIS B 220 16.31 3.19 -5.69
N VAL B 221 15.93 4.25 -4.98
CA VAL B 221 14.67 4.96 -5.25
C VAL B 221 14.74 5.68 -6.60
N GLU B 222 15.89 6.27 -6.88
CA GLU B 222 16.08 7.04 -8.11
C GLU B 222 16.01 6.14 -9.34
N ARG B 223 16.60 4.95 -9.23
CA ARG B 223 16.61 3.96 -10.30
C ARG B 223 15.19 3.42 -10.51
N LEU B 224 14.48 3.24 -9.39
CA LEU B 224 13.11 2.74 -9.42
C LEU B 224 12.14 3.71 -10.08
N GLN B 225 12.24 4.98 -9.71
CA GLN B 225 11.31 6.01 -10.22
C GLN B 225 11.35 6.15 -11.74
N ILE B 226 12.50 5.84 -12.34
CA ILE B 226 12.62 5.71 -13.78
C ILE B 226 11.55 4.77 -14.32
N PHE B 227 11.45 3.59 -13.73
CA PHE B 227 10.50 2.56 -14.17
C PHE B 227 9.11 2.68 -13.54
N GLN B 228 9.02 2.76 -12.22
CA GLN B 228 7.71 2.88 -11.55
C GLN B 228 7.05 4.24 -11.82
O13 444 C . -14.71 -6.22 -1.38
S12 444 C . -14.92 -5.62 -0.11
O14 444 C . -14.44 -6.25 1.08
C01 444 C . -16.69 -5.54 0.10
C02 444 C . -17.54 -5.86 -0.96
C03 444 C . -18.91 -5.79 -0.79
C04 444 C . -19.45 -5.41 0.43
C05 444 C . -18.61 -5.10 1.49
C06 444 C . -17.24 -5.18 1.33
N15 444 C . -14.33 -4.05 -0.17
C16 444 C . -14.74 -3.46 -1.45
C19 444 C . -13.50 -3.15 -2.27
F22 444 C . -12.63 -2.41 -1.47
F21 444 C . -12.90 -4.35 -2.66
F20 444 C . -13.88 -2.42 -3.40
C23 444 C . -14.58 -3.29 0.99
C24 444 C . -15.43 -2.19 0.97
C25 444 C . -15.69 -1.46 2.13
C28 444 C . -13.99 -3.64 2.20
C27 444 C . -14.25 -2.92 3.36
C26 444 C . -15.10 -1.82 3.33
C26 444 C . -15.10 -1.83 3.33
C33 444 C . -15.44 -1.00 4.56
C33 444 C . -15.32 -1.10 4.64
C34 444 C . -16.23 -1.82 5.58
C34 444 C . -15.23 0.42 4.46
F36 444 C . -16.60 -0.96 6.61
F36 444 C . -14.03 0.73 3.81
F37 444 C . -17.39 -2.37 5.01
F37 444 C . -16.31 0.90 3.72
F35 444 C . -15.45 -2.85 6.11
F35 444 C . -15.22 0.98 5.74
O42 444 C . -16.24 0.12 4.17
O42 444 C . -14.30 -1.46 5.57
C38 444 C . -14.21 -0.45 5.29
C38 444 C . -16.66 -1.47 5.28
F39 444 C . -13.27 0.05 4.37
F39 444 C . -17.18 -2.65 4.74
F40 444 C . -14.64 0.57 6.13
F40 444 C . -16.46 -1.66 6.65
F41 444 C . -13.65 -1.46 6.07
F41 444 C . -17.58 -0.43 5.10
O13 444 D . 12.60 -9.47 -2.25
S12 444 D . 12.90 -8.46 -3.21
O14 444 D . 12.19 -8.38 -4.44
C01 444 D . 14.61 -8.68 -3.65
C02 444 D . 15.38 -9.59 -2.96
C03 444 D . 16.73 -9.76 -3.30
C04 444 D . 17.28 -9.02 -4.34
C05 444 D . 16.50 -8.11 -5.04
C06 444 D . 15.16 -7.95 -4.70
N15 444 D . 12.76 -6.96 -2.45
C16 444 D . 13.16 -7.07 -1.04
C19 444 D . 11.92 -7.07 -0.18
F22 444 D . 11.21 -5.90 -0.43
F21 444 D . 11.12 -8.19 -0.48
F20 444 D . 12.30 -7.12 1.17
C23 444 D . 13.30 -5.90 -3.20
C24 444 D . 14.51 -5.30 -2.85
C25 444 D . 15.03 -4.27 -3.62
C28 444 D . 12.63 -5.46 -4.33
C27 444 D . 13.15 -4.42 -5.10
C26 444 D . 14.36 -3.82 -4.74
C26 444 D . 14.35 -3.83 -4.75
C33 444 D . 15.00 -2.71 -5.55
C33 444 D . 14.85 -2.71 -5.64
C34 444 D . 15.38 -3.27 -6.93
C34 444 D . 15.13 -1.45 -4.83
F36 444 D . 16.34 -2.43 -7.50
F36 444 D . 14.82 -0.31 -5.63
F37 444 D . 15.91 -4.54 -6.79
F37 444 D . 14.35 -1.42 -3.65
F35 444 D . 14.26 -3.31 -7.76
F35 444 D . 16.50 -1.44 -4.50
O42 444 D . 16.21 -2.29 -4.91
O42 444 D . 13.86 -2.36 -6.62
C38 444 D . 14.11 -1.48 -5.74
C38 444 D . 16.11 -3.12 -6.41
F39 444 D . 13.41 -1.22 -4.56
F39 444 D . 16.27 -4.51 -6.37
F40 444 D . 14.93 -0.39 -6.05
F40 444 D . 15.98 -2.72 -7.74
F41 444 D . 13.22 -1.70 -6.79
F41 444 D . 17.22 -2.49 -5.85
#